data_5HN3
#
_entry.id   5HN3
#
_cell.length_a   58.102
_cell.length_b   91.447
_cell.length_c   175.990
_cell.angle_alpha   90.00
_cell.angle_beta   90.00
_cell.angle_gamma   90.00
#
_symmetry.space_group_name_H-M   'I 2 2 2'
#
loop_
_entity.id
_entity.type
_entity.pdbx_description
1 polymer 'Homoisocitrate dehydrogenase'
2 non-polymer IMIDAZOLE
3 non-polymer 'SODIUM ION'
4 water water
#
_entity_poly.entity_id   1
_entity_poly.type   'polypeptide(L)'
_entity_poly.pdbx_seq_one_letter_code
;MYRVAVIPGDGIGPEVIDGAVRVLKAVTGRVRFEYYEGGVDVFQECGSPIREEDLEEIRRSDAVLFGATTTPFDLPGYRS
LILTLRKELGLYANLRIIPDLRTGREIVIVRENSEGLYFGIGAVVNGRAVDVRLITREGAERIARFAVEQAKARGSFITF
VHKANVLTGDKFFRRIVREVAGEEGVEVRDAIIDSFTIKLVRNPWEHGVILSENLFGDILSDLATVHAGSIGIVPSGNYG
DGIALFEPVHGSAPDIAGKGIANPIGAILSGAMLLDYLGLDGSLIRAAVRGYVVNGELTPDMGGRARTEDVVRGIIGEIE
DLLSMDEVWRDEIRLSRLESDISRMAGHHHHHH
;
_entity_poly.pdbx_strand_id   A
#
loop_
_chem_comp.id
_chem_comp.type
_chem_comp.name
_chem_comp.formula
IMD non-polymer IMIDAZOLE 'C3 H5 N2 1'
NA non-polymer 'SODIUM ION' 'Na 1'
#
# COMPACT_ATOMS: atom_id res chain seq x y z
N MET A 1 -5.52 -22.93 7.11
CA MET A 1 -4.82 -22.35 5.92
C MET A 1 -5.46 -21.03 5.56
N TYR A 2 -4.63 -20.02 5.38
CA TYR A 2 -5.11 -18.81 4.74
C TYR A 2 -4.93 -18.98 3.24
N ARG A 3 -5.91 -18.47 2.52
CA ARG A 3 -5.96 -18.47 1.07
C ARG A 3 -5.71 -17.05 0.53
N VAL A 4 -4.58 -16.89 -0.17
CA VAL A 4 -4.19 -15.62 -0.79
C VAL A 4 -4.34 -15.68 -2.31
N ALA A 5 -5.11 -14.76 -2.87
CA ALA A 5 -5.22 -14.61 -4.32
C ALA A 5 -4.05 -13.78 -4.84
N VAL A 6 -3.35 -14.30 -5.85
CA VAL A 6 -2.18 -13.64 -6.41
C VAL A 6 -2.51 -13.14 -7.81
N ILE A 7 -2.28 -11.86 -8.05
CA ILE A 7 -2.58 -11.23 -9.33
C ILE A 7 -1.32 -10.52 -9.78
N PRO A 8 -0.42 -11.27 -10.44
CA PRO A 8 0.88 -10.72 -10.85
C PRO A 8 0.85 -9.46 -11.75
N GLY A 9 -0.13 -9.37 -12.64
CA GLY A 9 -0.23 -8.27 -13.59
C GLY A 9 0.71 -8.37 -14.80
N ASP A 10 1.33 -7.24 -15.17
CA ASP A 10 2.14 -7.07 -16.39
C ASP A 10 3.53 -6.57 -16.11
N GLY A 11 4.36 -6.63 -17.13
CA GLY A 11 5.67 -5.99 -17.09
C GLY A 11 6.53 -6.58 -15.97
N ILE A 12 6.92 -5.73 -15.03
CA ILE A 12 7.71 -6.22 -13.90
C ILE A 12 6.83 -6.80 -12.79
N GLY A 13 5.51 -6.68 -12.88
CA GLY A 13 4.65 -7.23 -11.85
C GLY A 13 4.93 -8.69 -11.52
N PRO A 14 4.87 -9.58 -12.53
CA PRO A 14 5.24 -11.00 -12.33
C PRO A 14 6.60 -11.23 -11.72
N GLU A 15 7.58 -10.42 -12.08
CA GLU A 15 8.96 -10.59 -11.63
C GLU A 15 9.02 -10.31 -10.11
N VAL A 16 8.49 -9.18 -9.70
CA VAL A 16 8.57 -8.80 -8.28
C VAL A 16 7.65 -9.67 -7.41
N ILE A 17 6.50 -10.09 -7.94
CA ILE A 17 5.57 -10.91 -7.22
C ILE A 17 6.16 -12.31 -7.02
N ASP A 18 6.89 -12.83 -8.00
CA ASP A 18 7.61 -14.12 -7.79
C ASP A 18 8.50 -14.01 -6.54
N GLY A 19 9.26 -12.93 -6.43
CA GLY A 19 10.11 -12.68 -5.28
C GLY A 19 9.33 -12.60 -4.00
N ALA A 20 8.23 -11.84 -4.00
CA ALA A 20 7.41 -11.72 -2.82
C ALA A 20 6.82 -13.06 -2.36
N VAL A 21 6.28 -13.84 -3.30
CA VAL A 21 5.70 -15.14 -2.97
C VAL A 21 6.75 -16.13 -2.43
N ARG A 22 7.94 -16.14 -3.04
CA ARG A 22 9.02 -16.94 -2.55
C ARG A 22 9.43 -16.55 -1.13
N VAL A 23 9.50 -15.24 -0.87
CA VAL A 23 9.72 -14.77 0.48
C VAL A 23 8.65 -15.22 1.48
N LEU A 24 7.37 -15.10 1.13
CA LEU A 24 6.29 -15.50 2.01
C LEU A 24 6.44 -17.00 2.32
N LYS A 25 6.72 -17.78 1.29
CA LYS A 25 6.88 -19.27 1.48
C LYS A 25 8.06 -19.59 2.37
N ALA A 26 9.09 -18.76 2.37
CA ALA A 26 10.22 -18.93 3.23
C ALA A 26 9.87 -18.65 4.70
N VAL A 27 8.87 -17.81 4.98
CA VAL A 27 8.55 -17.52 6.40
C VAL A 27 7.44 -18.41 6.94
N THR A 28 6.46 -18.75 6.15
CA THR A 28 5.34 -19.52 6.65
C THR A 28 4.85 -20.57 5.65
N GLY A 29 4.43 -21.73 6.17
CA GLY A 29 3.66 -22.68 5.39
C GLY A 29 2.18 -22.56 5.69
N ARG A 30 1.76 -21.52 6.42
CA ARG A 30 0.33 -21.37 6.73
C ARG A 30 -0.47 -20.62 5.65
N VAL A 31 0.17 -20.30 4.53
CA VAL A 31 -0.52 -19.68 3.43
C VAL A 31 -0.28 -20.54 2.20
N ARG A 32 -1.33 -20.69 1.43
CA ARG A 32 -1.27 -21.19 0.08
C ARG A 32 -1.85 -20.15 -0.88
N PHE A 33 -1.36 -20.21 -2.11
CA PHE A 33 -1.63 -19.20 -3.13
C PHE A 33 -2.36 -19.72 -4.37
N GLU A 34 -3.36 -18.96 -4.83
CA GLU A 34 -4.00 -19.18 -6.15
C GLU A 34 -3.80 -17.97 -7.07
N TYR A 35 -3.40 -18.24 -8.31
CA TYR A 35 -3.04 -17.17 -9.26
C TYR A 35 -4.16 -16.85 -10.23
N TYR A 36 -4.24 -15.58 -10.62
CA TYR A 36 -5.28 -15.08 -11.51
C TYR A 36 -4.74 -14.10 -12.54
N GLU A 37 -5.30 -14.13 -13.74
CA GLU A 37 -4.89 -13.24 -14.83
C GLU A 37 -5.78 -12.02 -14.84
N GLY A 38 -5.24 -10.90 -15.31
CA GLY A 38 -5.96 -9.66 -15.37
C GLY A 38 -5.17 -8.64 -16.14
N GLY A 39 -5.87 -7.77 -16.84
CA GLY A 39 -5.22 -6.75 -17.64
C GLY A 39 -5.85 -6.66 -19.01
N VAL A 40 -5.11 -6.09 -19.94
CA VAL A 40 -5.61 -5.82 -21.28
C VAL A 40 -5.93 -7.14 -22.00
N ASP A 41 -5.07 -8.14 -21.88
CA ASP A 41 -5.28 -9.43 -22.58
C ASP A 41 -6.58 -10.08 -22.15
N VAL A 42 -6.85 -10.09 -20.85
CA VAL A 42 -8.14 -10.56 -20.35
C VAL A 42 -9.32 -9.73 -20.88
N PHE A 43 -9.13 -8.41 -20.99
CA PHE A 43 -10.19 -7.52 -21.52
C PHE A 43 -10.53 -7.86 -22.97
N GLN A 44 -9.50 -8.03 -23.79
CA GLN A 44 -9.68 -8.39 -25.20
C GLN A 44 -10.53 -9.65 -25.30
N GLU A 45 -10.27 -10.60 -24.42
CA GLU A 45 -10.92 -11.90 -24.51
C GLU A 45 -12.26 -11.99 -23.79
N CYS A 46 -12.62 -11.02 -22.94
CA CYS A 46 -13.91 -11.07 -22.22
C CYS A 46 -14.63 -9.75 -21.88
N GLY A 47 -14.11 -8.61 -22.36
CA GLY A 47 -14.76 -7.32 -22.12
C GLY A 47 -14.61 -6.69 -20.75
N SER A 48 -13.79 -7.28 -19.89
CA SER A 48 -13.51 -6.74 -18.54
C SER A 48 -12.08 -7.10 -18.15
N PRO A 49 -11.39 -6.22 -17.40
CA PRO A 49 -9.98 -6.47 -17.06
C PRO A 49 -9.76 -7.77 -16.26
N ILE A 50 -10.81 -8.21 -15.56
CA ILE A 50 -10.78 -9.49 -14.86
C ILE A 50 -12.12 -10.23 -14.99
N ARG A 51 -12.01 -11.56 -15.14
CA ARG A 51 -13.17 -12.45 -15.29
C ARG A 51 -14.05 -12.48 -14.04
N GLU A 52 -15.37 -12.51 -14.24
CA GLU A 52 -16.32 -12.40 -13.15
C GLU A 52 -16.22 -13.58 -12.18
N GLU A 53 -15.90 -14.76 -12.72
CA GLU A 53 -15.69 -15.97 -11.91
C GLU A 53 -14.39 -15.92 -11.11
N ASP A 54 -13.35 -15.28 -11.65
CA ASP A 54 -12.10 -15.02 -10.91
C ASP A 54 -12.34 -14.01 -9.77
N LEU A 55 -13.07 -12.94 -10.07
CA LEU A 55 -13.48 -11.99 -9.01
C LEU A 55 -14.19 -12.67 -7.84
N GLU A 56 -15.09 -13.60 -8.14
CA GLU A 56 -15.83 -14.32 -7.11
C GLU A 56 -14.91 -15.15 -6.23
N GLU A 57 -13.92 -15.80 -6.83
CA GLU A 57 -12.97 -16.55 -6.03
C GLU A 57 -12.13 -15.59 -5.18
N ILE A 58 -11.75 -14.47 -5.78
CA ILE A 58 -10.93 -13.45 -5.09
C ILE A 58 -11.66 -12.90 -3.86
N ARG A 59 -12.94 -12.56 -4.02
CA ARG A 59 -13.78 -12.10 -2.88
C ARG A 59 -13.77 -13.01 -1.66
N ARG A 60 -13.61 -14.31 -1.89
CA ARG A 60 -13.65 -15.29 -0.80
C ARG A 60 -12.29 -15.58 -0.21
N SER A 61 -11.22 -15.08 -0.85
CA SER A 61 -9.86 -15.20 -0.32
C SER A 61 -9.68 -14.37 0.94
N ASP A 62 -8.62 -14.68 1.68
CA ASP A 62 -8.31 -13.98 2.91
C ASP A 62 -7.52 -12.68 2.67
N ALA A 63 -6.67 -12.68 1.64
CA ALA A 63 -5.90 -11.49 1.25
C ALA A 63 -5.57 -11.59 -0.24
N VAL A 64 -5.25 -10.45 -0.85
CA VAL A 64 -4.82 -10.40 -2.24
C VAL A 64 -3.42 -9.81 -2.32
N LEU A 65 -2.58 -10.44 -3.13
CA LEU A 65 -1.26 -9.94 -3.43
C LEU A 65 -1.24 -9.61 -4.89
N PHE A 66 -0.97 -8.32 -5.17
CA PHE A 66 -1.09 -7.74 -6.49
C PHE A 66 0.24 -7.14 -6.91
N GLY A 67 0.64 -7.38 -8.17
CA GLY A 67 1.87 -6.82 -8.69
C GLY A 67 1.66 -5.43 -9.26
N ALA A 68 1.51 -5.35 -10.58
CA ALA A 68 1.35 -4.06 -11.22
C ALA A 68 0.75 -4.30 -12.60
N THR A 69 0.02 -3.30 -13.07
CA THR A 69 -0.74 -3.44 -14.30
C THR A 69 -0.48 -2.26 -15.21
N THR A 70 -0.39 -2.54 -16.51
CA THR A 70 -0.21 -1.51 -17.51
C THR A 70 -1.61 -1.11 -18.01
N THR A 71 -1.93 0.19 -17.96
CA THR A 71 -3.25 0.68 -18.35
C THR A 71 -3.06 1.62 -19.54
N PRO A 72 -3.54 1.24 -20.74
CA PRO A 72 -3.29 2.11 -21.90
C PRO A 72 -3.99 3.46 -21.82
N PHE A 73 -3.41 4.47 -22.47
CA PHE A 73 -3.94 5.85 -22.47
C PHE A 73 -5.42 5.88 -22.84
N ASP A 74 -5.77 5.19 -23.93
CA ASP A 74 -7.16 5.10 -24.37
C ASP A 74 -7.41 3.81 -25.13
N LEU A 75 -7.95 2.83 -24.42
CA LEU A 75 -8.43 1.60 -25.00
C LEU A 75 -9.93 1.59 -24.70
N PRO A 76 -10.76 1.97 -25.68
CA PRO A 76 -12.20 2.13 -25.46
C PRO A 76 -12.85 0.94 -24.71
N GLY A 77 -13.59 1.25 -23.65
CA GLY A 77 -14.25 0.23 -22.84
C GLY A 77 -13.40 -0.31 -21.69
N TYR A 78 -12.07 -0.14 -21.77
CA TYR A 78 -11.15 -0.64 -20.76
C TYR A 78 -11.16 0.24 -19.51
N ARG A 79 -11.03 -0.40 -18.35
CA ARG A 79 -10.92 0.26 -17.08
C ARG A 79 -9.77 -0.42 -16.31
N SER A 80 -8.87 0.39 -15.74
CA SER A 80 -7.72 -0.13 -14.98
C SER A 80 -8.06 -1.32 -14.08
N LEU A 81 -7.23 -2.36 -14.14
CA LEU A 81 -7.42 -3.55 -13.32
C LEU A 81 -7.37 -3.21 -11.82
N ILE A 82 -6.42 -2.39 -11.39
CA ILE A 82 -6.32 -2.07 -9.95
C ILE A 82 -7.51 -1.20 -9.50
N LEU A 83 -7.96 -0.27 -10.36
CA LEU A 83 -9.17 0.52 -10.05
C LEU A 83 -10.41 -0.37 -9.94
N THR A 84 -10.55 -1.32 -10.86
CA THR A 84 -11.62 -2.32 -10.79
C THR A 84 -11.59 -3.14 -9.50
N LEU A 85 -10.43 -3.64 -9.11
CA LEU A 85 -10.32 -4.43 -7.90
C LEU A 85 -10.65 -3.59 -6.67
N ARG A 86 -10.14 -2.36 -6.58
CA ARG A 86 -10.50 -1.48 -5.45
C ARG A 86 -12.01 -1.28 -5.31
N LYS A 87 -12.65 -1.00 -6.44
CA LYS A 87 -14.10 -0.81 -6.53
C LYS A 87 -14.83 -2.11 -6.17
N GLU A 88 -14.58 -3.17 -6.93
CA GLU A 88 -15.32 -4.44 -6.77
C GLU A 88 -15.14 -5.07 -5.39
N LEU A 89 -13.96 -4.93 -4.79
CA LEU A 89 -13.73 -5.45 -3.45
C LEU A 89 -14.01 -4.46 -2.29
N GLY A 90 -14.45 -3.26 -2.62
CA GLY A 90 -14.81 -2.28 -1.61
C GLY A 90 -13.63 -1.85 -0.77
N LEU A 91 -12.48 -1.66 -1.43
CA LEU A 91 -11.25 -1.29 -0.72
C LEU A 91 -11.18 0.22 -0.59
N TYR A 92 -11.76 0.74 0.51
CA TYR A 92 -11.97 2.16 0.67
C TYR A 92 -10.72 2.88 1.22
N ALA A 93 -9.80 2.14 1.85
CA ALA A 93 -8.62 2.78 2.48
C ALA A 93 -7.32 2.35 1.81
N ASN A 94 -6.40 3.31 1.65
CA ASN A 94 -5.07 3.02 1.14
C ASN A 94 -4.06 3.42 2.20
N LEU A 95 -3.14 2.52 2.54
CA LEU A 95 -2.09 2.78 3.54
C LEU A 95 -0.75 2.59 2.81
N ARG A 96 0.01 3.66 2.70
CA ARG A 96 1.33 3.63 2.07
C ARG A 96 2.39 3.71 3.16
N ILE A 97 3.47 2.92 3.01
CA ILE A 97 4.58 3.01 3.96
C ILE A 97 5.84 3.43 3.25
N ILE A 98 6.49 4.50 3.69
CA ILE A 98 7.86 4.80 3.19
C ILE A 98 8.78 4.28 4.29
N PRO A 99 9.58 3.22 3.99
CA PRO A 99 10.46 2.66 5.01
C PRO A 99 11.87 3.26 4.94
N ASP A 100 12.48 3.43 6.10
CA ASP A 100 13.91 3.73 6.21
C ASP A 100 14.59 2.40 6.41
N LEU A 101 15.21 1.88 5.36
CA LEU A 101 15.69 0.51 5.41
C LEU A 101 16.86 0.34 6.35
N ARG A 102 17.63 1.38 6.57
CA ARG A 102 18.76 1.32 7.53
C ARG A 102 18.29 1.06 8.96
N THR A 103 17.12 1.58 9.32
CA THR A 103 16.70 1.60 10.73
C THR A 103 15.43 0.90 11.10
N GLY A 104 14.47 0.79 10.19
CA GLY A 104 13.18 0.26 10.47
C GLY A 104 12.13 1.34 10.80
N ARG A 105 12.56 2.59 10.84
CA ARG A 105 11.62 3.71 10.94
C ARG A 105 10.74 3.69 9.71
N GLU A 106 9.57 4.32 9.81
CA GLU A 106 8.69 4.38 8.69
C GLU A 106 7.86 5.65 8.72
N ILE A 107 7.36 6.00 7.54
CA ILE A 107 6.30 7.03 7.37
C ILE A 107 5.07 6.27 6.91
N VAL A 108 3.98 6.40 7.69
CA VAL A 108 2.72 5.73 7.40
C VAL A 108 1.68 6.77 7.01
N ILE A 109 1.14 6.63 5.81
CA ILE A 109 0.18 7.60 5.27
C ILE A 109 -1.09 6.89 4.83
N VAL A 110 -2.18 7.25 5.49
CA VAL A 110 -3.52 6.68 5.23
C VAL A 110 -4.36 7.73 4.53
N ARG A 111 -4.92 7.36 3.38
CA ARG A 111 -5.90 8.19 2.66
C ARG A 111 -7.00 7.25 2.19
N GLU A 112 -8.13 7.81 1.79
CA GLU A 112 -9.13 7.00 1.07
C GLU A 112 -8.72 6.77 -0.37
N ASN A 113 -9.10 5.61 -0.91
CA ASN A 113 -9.07 5.40 -2.35
C ASN A 113 -10.16 6.22 -3.04
N SER A 114 -10.11 6.28 -4.38
CA SER A 114 -11.03 7.10 -5.17
C SER A 114 -12.46 6.87 -4.76
N GLU A 115 -13.16 7.96 -4.49
CA GLU A 115 -14.57 7.94 -4.08
C GLU A 115 -14.85 7.20 -2.80
N GLY A 116 -13.83 7.06 -1.95
CA GLY A 116 -13.96 6.40 -0.70
C GLY A 116 -14.51 7.25 0.43
N LEU A 117 -14.64 8.56 0.18
CA LEU A 117 -14.99 9.48 1.27
C LEU A 117 -15.79 10.67 0.78
N TYR A 118 -15.35 11.31 -0.30
CA TYR A 118 -16.00 12.48 -0.82
C TYR A 118 -16.74 12.16 -2.10
N PHE A 119 -17.81 12.89 -2.33
CA PHE A 119 -18.47 12.88 -3.62
C PHE A 119 -18.91 14.28 -3.99
N GLY A 120 -19.48 14.38 -5.18
CA GLY A 120 -19.96 15.62 -5.74
C GLY A 120 -19.33 15.80 -7.11
N ILE A 121 -19.43 17.02 -7.63
CA ILE A 121 -19.38 17.26 -9.05
C ILE A 121 -18.47 18.43 -9.37
N GLY A 122 -17.95 18.44 -10.58
CA GLY A 122 -17.25 19.59 -11.08
C GLY A 122 -17.69 19.89 -12.49
N ALA A 123 -17.82 21.15 -12.82
CA ALA A 123 -18.36 21.51 -14.14
C ALA A 123 -17.98 22.90 -14.56
N VAL A 124 -17.97 23.12 -15.86
CA VAL A 124 -17.76 24.46 -16.40
C VAL A 124 -19.09 24.87 -17.05
N VAL A 125 -19.34 26.14 -17.10
CA VAL A 125 -20.48 26.68 -17.87
C VAL A 125 -19.99 28.02 -18.29
N ASN A 126 -19.35 28.05 -19.46
CA ASN A 126 -18.14 28.90 -19.66
C ASN A 126 -18.19 30.33 -19.15
N GLY A 127 -17.03 30.79 -18.73
CA GLY A 127 -16.94 31.98 -17.90
C GLY A 127 -16.93 31.65 -16.42
N ARG A 128 -17.42 30.46 -16.03
CA ARG A 128 -17.39 30.02 -14.63
C ARG A 128 -17.18 28.50 -14.51
N ALA A 129 -16.51 28.08 -13.45
CA ALA A 129 -16.42 26.68 -13.11
C ALA A 129 -16.78 26.49 -11.65
N VAL A 130 -17.31 25.32 -11.33
CA VAL A 130 -17.70 25.00 -9.98
C VAL A 130 -17.23 23.63 -9.62
N ASP A 131 -16.86 23.47 -8.35
CA ASP A 131 -16.69 22.18 -7.73
C ASP A 131 -17.48 22.15 -6.43
N VAL A 132 -18.23 21.05 -6.24
CA VAL A 132 -18.93 20.70 -5.04
C VAL A 132 -18.42 19.42 -4.48
N ARG A 133 -18.11 19.41 -3.19
CA ARG A 133 -17.62 18.24 -2.52
C ARG A 133 -18.38 18.03 -1.25
N LEU A 134 -18.83 16.80 -1.08
CA LEU A 134 -19.66 16.33 0.00
C LEU A 134 -19.06 15.14 0.72
N ILE A 135 -19.11 15.20 2.03
CA ILE A 135 -18.62 14.18 2.91
C ILE A 135 -19.73 13.86 3.94
N THR A 136 -19.82 12.60 4.34
CA THR A 136 -20.79 12.25 5.40
C THR A 136 -20.15 11.70 6.64
N ARG A 137 -20.89 11.78 7.73
CA ARG A 137 -20.46 11.19 8.96
C ARG A 137 -20.09 9.73 8.76
N GLU A 138 -20.93 8.98 8.04
CA GLU A 138 -20.72 7.54 7.90
C GLU A 138 -19.38 7.23 7.19
N GLY A 139 -19.08 7.99 6.14
CA GLY A 139 -17.82 7.82 5.39
C GLY A 139 -16.63 8.27 6.22
N ALA A 140 -16.79 9.40 6.91
CA ALA A 140 -15.74 9.89 7.80
C ALA A 140 -15.44 8.90 8.94
N GLU A 141 -16.48 8.31 9.57
CA GLU A 141 -16.25 7.36 10.62
C GLU A 141 -15.51 6.12 10.16
N ARG A 142 -15.82 5.66 8.97
CA ARG A 142 -15.30 4.43 8.44
C ARG A 142 -13.79 4.53 8.28
N ILE A 143 -13.35 5.62 7.66
CA ILE A 143 -11.89 5.78 7.49
C ILE A 143 -11.20 6.16 8.80
N ALA A 144 -11.87 6.98 9.62
CA ALA A 144 -11.35 7.24 10.93
C ALA A 144 -11.14 5.95 11.76
N ARG A 145 -12.13 5.06 11.79
CA ARG A 145 -11.98 3.82 12.55
C ARG A 145 -10.81 2.97 12.05
N PHE A 146 -10.64 2.93 10.73
CA PHE A 146 -9.49 2.24 10.15
C PHE A 146 -8.13 2.78 10.62
N ALA A 147 -7.97 4.09 10.55
CA ALA A 147 -6.72 4.73 10.94
C ALA A 147 -6.51 4.58 12.43
N VAL A 148 -7.60 4.67 13.21
CA VAL A 148 -7.55 4.49 14.65
C VAL A 148 -7.12 3.04 15.00
N GLU A 149 -7.68 2.04 14.32
CA GLU A 149 -7.25 0.65 14.57
C GLU A 149 -5.77 0.49 14.19
N GLN A 150 -5.36 1.12 13.09
CA GLN A 150 -3.99 1.04 12.65
C GLN A 150 -3.04 1.67 13.68
N ALA A 151 -3.45 2.78 14.28
CA ALA A 151 -2.62 3.42 15.30
C ALA A 151 -2.54 2.56 16.56
N LYS A 152 -3.69 2.02 16.98
CA LYS A 152 -3.74 1.10 18.13
C LYS A 152 -2.80 -0.08 17.94
N ALA A 153 -2.92 -0.74 16.78
CA ALA A 153 -2.07 -1.88 16.42
C ALA A 153 -0.59 -1.55 16.48
N ARG A 154 -0.22 -0.31 16.13
CA ARG A 154 1.17 0.11 16.14
C ARG A 154 1.65 0.67 17.46
N GLY A 155 0.75 0.79 18.42
CA GLY A 155 1.08 1.41 19.70
C GLY A 155 1.40 2.88 19.49
N SER A 156 0.64 3.49 18.58
CA SER A 156 0.97 4.80 18.05
C SER A 156 -0.14 5.81 18.24
N PHE A 157 -0.16 6.79 17.36
CA PHE A 157 -1.11 7.88 17.45
C PHE A 157 -1.40 8.35 16.03
N ILE A 158 -2.36 9.26 15.89
CA ILE A 158 -2.75 9.77 14.56
C ILE A 158 -2.28 11.19 14.41
N THR A 159 -1.69 11.50 13.27
CA THR A 159 -1.50 12.90 12.87
C THR A 159 -2.48 13.17 11.75
N PHE A 160 -3.52 13.97 12.07
CA PHE A 160 -4.54 14.29 11.09
C PHE A 160 -4.16 15.57 10.34
N VAL A 161 -3.90 15.50 9.03
CA VAL A 161 -3.39 16.62 8.22
C VAL A 161 -4.47 17.04 7.25
N HIS A 162 -4.66 18.35 7.12
CA HIS A 162 -5.89 18.88 6.56
C HIS A 162 -5.78 20.35 6.13
N LYS A 163 -6.89 20.86 5.60
CA LYS A 163 -7.07 22.25 5.31
C LYS A 163 -8.44 22.75 5.90
N ALA A 164 -8.63 22.46 7.16
CA ALA A 164 -9.86 22.81 7.97
C ALA A 164 -10.03 24.29 8.10
N ASN A 165 -8.93 25.01 7.91
CA ASN A 165 -8.97 26.46 7.86
C ASN A 165 -9.68 27.06 6.67
N VAL A 166 -9.84 26.29 5.61
CA VAL A 166 -10.42 26.71 4.35
C VAL A 166 -11.65 25.87 3.99
N LEU A 167 -11.58 24.57 4.20
CA LEU A 167 -12.61 23.64 3.73
C LEU A 167 -13.39 23.08 4.91
N THR A 168 -14.71 23.32 4.91
CA THR A 168 -15.52 22.82 5.98
C THR A 168 -15.57 21.30 6.07
N GLY A 169 -15.52 20.59 4.93
CA GLY A 169 -15.40 19.15 4.90
C GLY A 169 -14.22 18.65 5.73
N ASP A 170 -13.10 19.36 5.63
CA ASP A 170 -11.96 19.00 6.48
C ASP A 170 -12.17 19.22 7.94
N LYS A 171 -12.89 20.31 8.29
CA LYS A 171 -13.21 20.58 9.68
C LYS A 171 -14.11 19.48 10.22
N PHE A 172 -15.11 19.13 9.43
CA PHE A 172 -16.01 18.03 9.76
C PHE A 172 -15.29 16.70 9.97
N PHE A 173 -14.44 16.35 9.00
CA PHE A 173 -13.65 15.13 9.10
C PHE A 173 -12.77 15.14 10.35
N ARG A 174 -12.11 16.26 10.61
CA ARG A 174 -11.26 16.37 11.81
C ARG A 174 -12.07 16.07 13.08
N ARG A 175 -13.25 16.67 13.19
CA ARG A 175 -14.07 16.46 14.40
C ARG A 175 -14.40 14.99 14.55
N ILE A 176 -14.81 14.32 13.47
CA ILE A 176 -15.10 12.87 13.53
C ILE A 176 -13.89 12.01 13.91
N VAL A 177 -12.74 12.29 13.29
CA VAL A 177 -11.54 11.63 13.70
C VAL A 177 -11.26 11.79 15.20
N ARG A 178 -11.38 13.00 15.73
CA ARG A 178 -11.15 13.24 17.16
C ARG A 178 -12.14 12.45 18.04
N GLU A 179 -13.41 12.40 17.62
CA GLU A 179 -14.43 11.62 18.35
C GLU A 179 -14.12 10.12 18.38
N VAL A 180 -13.88 9.53 17.20
CA VAL A 180 -13.57 8.11 17.12
C VAL A 180 -12.31 7.78 17.90
N ALA A 181 -11.24 8.57 17.72
CA ALA A 181 -10.01 8.32 18.42
C ALA A 181 -10.22 8.40 19.94
N GLY A 182 -11.00 9.39 20.36
CA GLY A 182 -11.26 9.62 21.79
C GLY A 182 -11.92 8.41 22.43
N GLU A 183 -12.91 7.84 21.75
CA GLU A 183 -13.55 6.58 22.15
C GLU A 183 -12.54 5.44 22.37
N GLU A 184 -11.55 5.33 21.48
CA GLU A 184 -10.58 4.23 21.50
C GLU A 184 -9.30 4.50 22.29
N GLY A 185 -9.20 5.68 22.90
CA GLY A 185 -8.06 6.05 23.69
C GLY A 185 -6.80 6.28 22.87
N VAL A 186 -6.98 6.75 21.64
CA VAL A 186 -5.84 6.99 20.72
C VAL A 186 -5.65 8.50 20.56
N GLU A 187 -4.41 8.97 20.73
CA GLU A 187 -4.07 10.39 20.64
C GLU A 187 -4.23 10.89 19.20
N VAL A 188 -4.76 12.10 19.03
CA VAL A 188 -4.84 12.73 17.70
C VAL A 188 -4.08 14.05 17.75
N ARG A 189 -3.14 14.23 16.86
CA ARG A 189 -2.52 15.51 16.63
C ARG A 189 -3.11 15.99 15.32
N ASP A 190 -3.24 17.30 15.12
CA ASP A 190 -3.67 17.76 13.81
C ASP A 190 -2.83 18.91 13.31
N ALA A 191 -2.75 19.04 12.00
CA ALA A 191 -1.92 20.04 11.36
C ALA A 191 -2.44 20.46 10.02
N ILE A 192 -2.32 21.74 9.71
CA ILE A 192 -2.62 22.24 8.42
C ILE A 192 -1.54 21.74 7.46
N ILE A 193 -1.97 21.18 6.35
CA ILE A 193 -1.00 20.63 5.35
C ILE A 193 0.17 21.57 4.99
N ASP A 194 -0.08 22.88 4.78
CA ASP A 194 0.89 23.81 4.32
C ASP A 194 2.20 23.71 5.15
N SER A 195 2.07 23.92 6.46
CA SER A 195 3.22 23.84 7.41
C SER A 195 3.66 22.41 7.65
N PHE A 196 2.74 21.45 7.62
CA PHE A 196 3.11 20.06 7.84
C PHE A 196 4.12 19.55 6.80
N THR A 197 4.03 20.05 5.59
CA THR A 197 4.97 19.61 4.55
C THR A 197 6.42 19.85 4.97
N ILE A 198 6.66 20.93 5.66
CA ILE A 198 8.03 21.25 6.17
C ILE A 198 8.49 20.15 7.16
N LYS A 199 7.58 19.74 8.06
CA LYS A 199 7.88 18.73 9.05
C LYS A 199 8.10 17.37 8.39
N LEU A 200 7.33 17.08 7.31
CA LEU A 200 7.49 15.81 6.65
C LEU A 200 8.83 15.71 5.89
N VAL A 201 9.37 16.85 5.44
CA VAL A 201 10.71 16.86 4.83
C VAL A 201 11.80 16.78 5.92
N ARG A 202 11.65 17.56 6.98
CA ARG A 202 12.73 17.76 8.00
C ARG A 202 12.75 16.70 9.08
N ASN A 203 11.59 16.19 9.49
CA ASN A 203 11.46 15.23 10.58
C ASN A 203 10.44 14.13 10.23
N PRO A 204 10.73 13.31 9.21
CA PRO A 204 9.69 12.49 8.61
C PRO A 204 9.20 11.36 9.46
N TRP A 205 10.05 10.86 10.38
CA TRP A 205 9.82 9.53 10.94
C TRP A 205 8.99 9.48 12.20
N GLU A 206 8.54 10.63 12.71
CA GLU A 206 7.97 10.69 14.05
C GLU A 206 6.49 11.23 14.08
N HIS A 207 5.71 10.88 13.06
CA HIS A 207 4.32 11.36 12.90
C HIS A 207 3.26 10.30 13.09
N GLY A 208 3.64 9.11 13.52
CA GLY A 208 2.65 8.09 13.73
C GLY A 208 1.85 7.75 12.51
N VAL A 209 0.55 7.55 12.67
CA VAL A 209 -0.26 7.22 11.54
C VAL A 209 -0.81 8.52 10.97
N ILE A 210 -0.30 8.93 9.80
CA ILE A 210 -0.77 10.18 9.14
C ILE A 210 -2.08 9.82 8.46
N LEU A 211 -3.09 10.63 8.68
CA LEU A 211 -4.42 10.46 8.03
C LEU A 211 -4.78 11.78 7.40
N SER A 212 -5.16 11.74 6.14
CA SER A 212 -5.56 12.93 5.38
C SER A 212 -6.47 12.50 4.25
N GLU A 213 -7.58 13.21 4.04
CA GLU A 213 -8.34 12.97 2.83
C GLU A 213 -7.45 13.07 1.61
N ASN A 214 -7.74 12.27 0.59
CA ASN A 214 -6.77 12.12 -0.51
C ASN A 214 -6.44 13.35 -1.32
N LEU A 215 -7.31 14.36 -1.36
CA LEU A 215 -7.02 15.59 -2.02
C LEU A 215 -5.68 16.20 -1.52
N PHE A 216 -5.44 16.04 -0.25
CA PHE A 216 -4.18 16.52 0.42
C PHE A 216 -3.31 15.30 0.73
N GLY A 217 -3.93 14.20 1.13
CA GLY A 217 -3.14 13.04 1.55
C GLY A 217 -2.32 12.43 0.45
N ASP A 218 -2.78 12.50 -0.79
CA ASP A 218 -1.99 11.99 -1.92
C ASP A 218 -0.77 12.88 -2.19
N ILE A 219 -0.87 14.15 -1.80
CA ILE A 219 0.30 15.03 -1.85
C ILE A 219 1.30 14.44 -0.87
N LEU A 220 0.85 14.20 0.35
CA LEU A 220 1.77 13.70 1.39
C LEU A 220 2.38 12.38 1.02
N SER A 221 1.58 11.52 0.43
CA SER A 221 2.06 10.16 0.15
C SER A 221 3.14 10.18 -0.92
N ASP A 222 3.10 11.12 -1.85
CA ASP A 222 4.20 11.37 -2.84
C ASP A 222 5.34 12.14 -2.22
N LEU A 223 5.04 13.23 -1.52
CA LEU A 223 6.12 14.00 -0.89
C LEU A 223 7.00 13.07 0.04
N ALA A 224 6.37 12.19 0.79
CA ALA A 224 7.07 11.28 1.73
C ALA A 224 8.14 10.44 1.02
N THR A 225 7.96 10.19 -0.27
CA THR A 225 8.91 9.38 -1.06
C THR A 225 10.23 10.01 -1.29
N VAL A 226 10.38 11.29 -0.97
CA VAL A 226 11.74 11.87 -0.99
C VAL A 226 12.69 11.18 -0.04
N HIS A 227 12.16 10.49 0.96
CA HIS A 227 12.98 9.75 1.92
C HIS A 227 13.24 8.34 1.54
N ALA A 228 12.79 7.95 0.36
CA ALA A 228 13.09 6.60 -0.16
C ALA A 228 14.15 6.76 -1.24
N GLY A 229 15.12 5.85 -1.31
CA GLY A 229 16.12 5.95 -2.39
C GLY A 229 15.52 5.69 -3.77
N SER A 230 14.44 4.92 -3.78
CA SER A 230 13.73 4.56 -4.98
C SER A 230 12.30 4.28 -4.63
N ILE A 231 11.39 4.59 -5.57
CA ILE A 231 10.01 4.17 -5.40
C ILE A 231 9.90 2.68 -5.34
N GLY A 232 10.91 1.96 -5.87
CA GLY A 232 10.84 0.53 -5.88
C GLY A 232 10.86 -0.20 -4.55
N ILE A 233 11.08 0.52 -3.45
CA ILE A 233 11.06 -0.08 -2.12
C ILE A 233 9.72 0.02 -1.38
N VAL A 234 8.80 0.80 -1.93
CA VAL A 234 7.67 1.27 -1.18
C VAL A 234 6.48 0.35 -1.29
N PRO A 235 6.02 -0.19 -0.16
CA PRO A 235 4.82 -1.01 -0.15
C PRO A 235 3.52 -0.24 0.13
N SER A 236 2.41 -0.92 -0.09
CA SER A 236 1.11 -0.40 0.27
C SER A 236 0.07 -1.47 0.44
N GLY A 237 -0.98 -1.09 1.17
CA GLY A 237 -2.18 -1.90 1.32
C GLY A 237 -3.44 -1.15 0.99
N ASN A 238 -4.43 -1.90 0.49
CA ASN A 238 -5.72 -1.38 0.15
C ASN A 238 -6.71 -2.21 1.00
N TYR A 239 -7.43 -1.57 1.89
CA TYR A 239 -8.24 -2.23 2.90
C TYR A 239 -9.73 -1.96 2.76
N GLY A 240 -10.50 -3.05 2.97
CA GLY A 240 -11.94 -3.02 2.89
C GLY A 240 -12.52 -3.77 4.07
N ASP A 241 -13.82 -4.05 4.02
CA ASP A 241 -14.47 -4.80 5.06
C ASP A 241 -14.20 -6.28 4.81
N GLY A 242 -13.32 -6.88 5.58
CA GLY A 242 -13.07 -8.32 5.49
C GLY A 242 -12.10 -8.82 4.41
N ILE A 243 -11.41 -7.93 3.71
CA ILE A 243 -10.40 -8.35 2.75
C ILE A 243 -9.47 -7.15 2.49
N ALA A 244 -8.23 -7.44 2.12
CA ALA A 244 -7.29 -6.40 1.78
C ALA A 244 -6.41 -6.86 0.63
N LEU A 245 -5.96 -5.89 -0.18
CA LEU A 245 -5.11 -6.14 -1.33
C LEU A 245 -3.81 -5.36 -1.14
N PHE A 246 -2.69 -6.08 -1.21
CA PHE A 246 -1.36 -5.52 -0.99
C PHE A 246 -0.61 -5.43 -2.31
N GLU A 247 0.05 -4.30 -2.55
CA GLU A 247 0.74 -4.05 -3.84
C GLU A 247 1.88 -3.06 -3.65
N PRO A 248 2.97 -3.22 -4.42
CA PRO A 248 3.98 -2.16 -4.44
C PRO A 248 3.38 -0.87 -5.02
N VAL A 249 3.88 0.28 -4.59
CA VAL A 249 3.48 1.58 -5.18
C VAL A 249 3.98 1.71 -6.61
N HIS A 250 5.12 1.14 -6.94
CA HIS A 250 5.64 1.19 -8.31
C HIS A 250 4.70 0.55 -9.31
N GLY A 251 4.94 0.91 -10.56
CA GLY A 251 4.12 0.47 -11.66
C GLY A 251 4.72 -0.71 -12.41
N SER A 252 4.16 -0.96 -13.58
CA SER A 252 4.49 -2.14 -14.36
C SER A 252 5.78 -2.01 -15.14
N ALA A 253 6.29 -0.79 -15.29
CA ALA A 253 7.61 -0.52 -15.88
C ALA A 253 7.95 -1.44 -17.07
N PRO A 254 7.06 -1.49 -18.06
CA PRO A 254 7.24 -2.40 -19.19
C PRO A 254 8.59 -2.29 -19.90
N ASP A 255 9.22 -1.12 -19.88
CA ASP A 255 10.49 -0.90 -20.54
C ASP A 255 11.67 -1.61 -19.88
N ILE A 256 11.53 -2.05 -18.63
CA ILE A 256 12.61 -2.88 -18.04
C ILE A 256 12.18 -4.28 -17.78
N ALA A 257 10.95 -4.66 -18.13
CA ALA A 257 10.52 -6.04 -17.99
C ALA A 257 11.44 -6.99 -18.77
N GLY A 258 11.76 -8.11 -18.15
CA GLY A 258 12.71 -9.07 -18.78
C GLY A 258 14.22 -8.76 -18.67
N LYS A 259 14.60 -7.62 -18.11
CA LYS A 259 15.99 -7.25 -17.93
C LYS A 259 16.58 -7.77 -16.63
N GLY A 260 15.73 -8.30 -15.75
CA GLY A 260 16.22 -8.90 -14.47
C GLY A 260 16.77 -7.89 -13.46
N ILE A 261 16.33 -6.64 -13.57
CA ILE A 261 16.80 -5.55 -12.73
C ILE A 261 15.68 -4.82 -11.92
N ALA A 262 14.45 -5.27 -12.03
CA ALA A 262 13.34 -4.68 -11.20
C ALA A 262 13.66 -4.87 -9.70
N ASN A 263 13.48 -3.81 -8.90
CA ASN A 263 13.60 -3.86 -7.45
C ASN A 263 12.45 -4.67 -6.87
N PRO A 264 12.74 -5.82 -6.19
CA PRO A 264 11.66 -6.58 -5.61
C PRO A 264 11.19 -6.16 -4.16
N ILE A 265 11.87 -5.16 -3.62
CA ILE A 265 11.71 -4.78 -2.17
C ILE A 265 10.29 -4.32 -1.91
N GLY A 266 9.76 -3.45 -2.77
CA GLY A 266 8.40 -2.98 -2.59
C GLY A 266 7.37 -4.10 -2.50
N ALA A 267 7.44 -5.06 -3.47
CA ALA A 267 6.55 -6.21 -3.46
C ALA A 267 6.75 -7.11 -2.21
N ILE A 268 8.00 -7.31 -1.84
CA ILE A 268 8.38 -8.15 -0.71
C ILE A 268 7.84 -7.52 0.59
N LEU A 269 8.04 -6.21 0.74
CA LEU A 269 7.46 -5.50 1.91
C LEU A 269 5.93 -5.42 1.90
N SER A 270 5.32 -5.46 0.71
CA SER A 270 3.89 -5.56 0.60
C SER A 270 3.43 -6.94 1.09
N GLY A 271 4.20 -7.97 0.76
CA GLY A 271 3.96 -9.31 1.35
C GLY A 271 4.06 -9.29 2.88
N ALA A 272 5.00 -8.53 3.41
CA ALA A 272 5.17 -8.37 4.88
C ALA A 272 3.94 -7.73 5.49
N MET A 273 3.37 -6.73 4.81
CA MET A 273 2.11 -6.14 5.24
C MET A 273 0.97 -7.15 5.20
N LEU A 274 0.93 -7.95 4.14
CA LEU A 274 -0.03 -9.05 4.03
C LEU A 274 0.07 -10.00 5.21
N LEU A 275 1.28 -10.45 5.55
CA LEU A 275 1.40 -11.36 6.69
C LEU A 275 0.91 -10.70 7.99
N ASP A 276 1.24 -9.42 8.19
CA ASP A 276 0.76 -8.69 9.39
C ASP A 276 -0.74 -8.71 9.44
N TYR A 277 -1.37 -8.44 8.29
CA TYR A 277 -2.80 -8.42 8.12
C TYR A 277 -3.45 -9.75 8.51
N LEU A 278 -2.77 -10.85 8.20
CA LEU A 278 -3.28 -12.18 8.60
C LEU A 278 -2.81 -12.62 9.98
N GLY A 279 -2.13 -11.78 10.75
CA GLY A 279 -1.64 -12.20 12.06
C GLY A 279 -0.37 -13.05 12.04
N LEU A 280 0.36 -13.01 10.94
CA LEU A 280 1.58 -13.79 10.75
C LEU A 280 2.81 -12.88 10.84
N ASP A 281 4.00 -13.44 10.65
CA ASP A 281 5.24 -12.82 11.07
C ASP A 281 5.87 -11.91 9.99
N GLY A 282 5.13 -10.87 9.63
CA GLY A 282 5.70 -9.85 8.74
C GLY A 282 6.99 -9.26 9.20
N SER A 283 7.19 -9.12 10.51
CA SER A 283 8.42 -8.54 11.02
C SER A 283 9.70 -9.29 10.59
N LEU A 284 9.55 -10.59 10.38
CA LEU A 284 10.70 -11.41 9.97
C LEU A 284 11.17 -11.01 8.57
N ILE A 285 10.21 -10.67 7.73
CA ILE A 285 10.53 -10.14 6.41
C ILE A 285 11.25 -8.79 6.55
N ARG A 286 10.74 -7.89 7.38
CA ARG A 286 11.40 -6.61 7.51
C ARG A 286 12.80 -6.70 8.06
N ALA A 287 12.98 -7.53 9.08
CA ALA A 287 14.31 -7.68 9.66
C ALA A 287 15.33 -8.27 8.64
N ALA A 288 14.82 -9.20 7.86
CA ALA A 288 15.58 -9.85 6.77
C ALA A 288 15.96 -8.84 5.67
N VAL A 289 15.02 -7.98 5.28
CA VAL A 289 15.39 -6.90 4.33
C VAL A 289 16.45 -6.01 4.90
N ARG A 290 16.25 -5.55 6.16
CA ARG A 290 17.19 -4.64 6.74
C ARG A 290 18.57 -5.27 6.82
N GLY A 291 18.59 -6.55 7.13
CA GLY A 291 19.86 -7.26 7.24
C GLY A 291 20.57 -7.33 5.90
N TYR A 292 19.81 -7.65 4.88
CA TYR A 292 20.35 -7.77 3.50
C TYR A 292 20.97 -6.48 3.04
N VAL A 293 20.31 -5.33 3.30
CA VAL A 293 20.78 -4.06 2.77
C VAL A 293 21.98 -3.48 3.50
N VAL A 294 22.34 -4.05 4.65
CA VAL A 294 23.50 -3.55 5.37
C VAL A 294 24.73 -3.54 4.47
N ASN A 295 24.99 -4.71 3.88
CA ASN A 295 26.09 -4.86 2.95
C ASN A 295 25.70 -5.46 1.60
N GLY A 296 24.44 -5.80 1.41
CA GLY A 296 23.97 -6.49 0.21
C GLY A 296 23.93 -5.57 -1.00
N GLU A 297 24.25 -6.12 -2.17
CA GLU A 297 24.17 -5.33 -3.38
C GLU A 297 22.72 -5.11 -3.76
N LEU A 298 22.41 -3.89 -4.23
CA LEU A 298 21.03 -3.56 -4.57
C LEU A 298 20.90 -3.35 -6.09
N THR A 299 19.66 -3.33 -6.52
CA THR A 299 19.32 -3.18 -7.97
C THR A 299 19.66 -1.75 -8.45
N PRO A 300 19.65 -1.53 -9.78
CA PRO A 300 20.20 -0.28 -10.31
C PRO A 300 19.45 0.99 -9.94
N ASP A 301 18.15 0.85 -9.67
CA ASP A 301 17.35 1.98 -9.17
C ASP A 301 17.84 2.47 -7.80
N MET A 302 18.60 1.64 -7.08
CA MET A 302 19.22 2.08 -5.81
C MET A 302 20.72 2.30 -5.88
N GLY A 303 21.26 2.37 -7.10
CA GLY A 303 22.68 2.61 -7.31
C GLY A 303 23.62 1.40 -7.26
N GLY A 304 23.08 0.20 -7.22
CA GLY A 304 23.88 -1.02 -7.23
C GLY A 304 23.76 -1.65 -8.62
N ARG A 305 24.33 -2.85 -8.77
CA ARG A 305 24.24 -3.62 -10.01
C ARG A 305 23.82 -5.06 -9.79
N ALA A 306 23.05 -5.32 -8.73
CA ALA A 306 22.41 -6.58 -8.52
C ALA A 306 21.32 -6.79 -9.51
N ARG A 307 21.07 -8.06 -9.83
CA ARG A 307 19.85 -8.52 -10.42
C ARG A 307 18.77 -8.75 -9.39
N THR A 308 17.50 -8.68 -9.81
CA THR A 308 16.36 -8.99 -8.96
C THR A 308 16.58 -10.29 -8.14
N GLU A 309 16.95 -11.36 -8.85
CA GLU A 309 17.23 -12.63 -8.15
C GLU A 309 18.27 -12.57 -7.02
N ASP A 310 19.32 -11.77 -7.15
CA ASP A 310 20.37 -11.63 -6.15
C ASP A 310 19.74 -11.11 -4.85
N VAL A 311 18.86 -10.12 -5.01
CA VAL A 311 18.19 -9.52 -3.86
C VAL A 311 17.16 -10.48 -3.22
N VAL A 312 16.37 -11.17 -4.03
CA VAL A 312 15.39 -12.14 -3.58
C VAL A 312 16.10 -13.27 -2.83
N ARG A 313 17.12 -13.85 -3.45
CA ARG A 313 17.91 -14.88 -2.74
C ARG A 313 18.53 -14.36 -1.44
N GLY A 314 19.09 -13.15 -1.46
CA GLY A 314 19.81 -12.62 -0.30
C GLY A 314 18.83 -12.40 0.82
N ILE A 315 17.63 -11.90 0.49
CA ILE A 315 16.60 -11.78 1.53
C ILE A 315 16.15 -13.13 2.14
N ILE A 316 15.88 -14.10 1.29
CA ILE A 316 15.51 -15.43 1.72
C ILE A 316 16.61 -16.06 2.59
N GLY A 317 17.88 -15.82 2.25
CA GLY A 317 19.04 -16.25 3.04
C GLY A 317 18.98 -15.68 4.45
N GLU A 318 18.70 -14.39 4.55
CA GLU A 318 18.53 -13.77 5.87
C GLU A 318 17.40 -14.39 6.66
N ILE A 319 16.28 -14.68 6.03
CA ILE A 319 15.14 -15.27 6.68
C ILE A 319 15.52 -16.64 7.22
N GLU A 320 16.10 -17.44 6.33
CA GLU A 320 16.65 -18.75 6.75
C GLU A 320 17.54 -18.67 7.96
N ASP A 321 18.53 -17.77 7.92
CA ASP A 321 19.49 -17.56 8.99
C ASP A 321 18.79 -17.23 10.29
N LEU A 322 17.87 -16.25 10.26
CA LEU A 322 17.06 -15.93 11.47
C LEU A 322 16.23 -17.11 12.02
N LEU A 323 15.57 -17.86 11.14
CA LEU A 323 14.76 -19.02 11.48
C LEU A 323 15.60 -20.14 12.11
N SER A 324 16.88 -20.18 11.78
CA SER A 324 17.82 -21.15 12.34
C SER A 324 18.35 -20.72 13.71
N MET A 325 18.25 -19.43 14.05
CA MET A 325 18.78 -18.94 15.33
C MET A 325 17.66 -18.91 16.35
N ASP A 326 17.35 -20.07 16.90
CA ASP A 326 16.19 -20.26 17.78
C ASP A 326 16.22 -19.38 19.02
N GLU A 327 17.41 -19.01 19.47
CA GLU A 327 17.59 -18.13 20.64
C GLU A 327 17.34 -16.65 20.29
N VAL A 328 17.59 -16.26 19.05
CA VAL A 328 17.53 -14.83 18.66
C VAL A 328 16.14 -14.48 18.10
N TRP A 329 15.51 -15.37 17.35
CA TRP A 329 14.20 -15.09 16.76
C TRP A 329 13.16 -16.06 17.32
N ARG A 330 12.61 -15.73 18.49
CA ARG A 330 11.68 -16.64 19.16
C ARG A 330 10.26 -16.35 18.70
N ASP A 331 9.39 -17.36 18.83
CA ASP A 331 7.97 -17.28 18.43
C ASP A 331 7.19 -16.14 19.09
N GLU A 332 6.21 -15.66 18.31
CA GLU A 332 5.21 -14.63 18.67
C GLU A 332 5.75 -13.20 18.61
N1 IMD B . -12.29 17.46 -0.64
C2 IMD B . -11.94 16.22 -1.01
N3 IMD B . -12.19 16.06 -2.33
C4 IMD B . -12.70 17.22 -2.77
C5 IMD B . -12.79 18.09 -1.69
N1 IMD C . 12.11 -2.03 7.88
C2 IMD C . 10.93 -1.46 8.25
N3 IMD C . 10.08 -1.60 7.21
C4 IMD C . 10.70 -2.26 6.20
C5 IMD C . 11.99 -2.53 6.62
NA NA D . 1.82 -0.04 -8.01
#